data_5GKV
#
_entry.id   5GKV
#
_cell.length_a   58.277
_cell.length_b   67.308
_cell.length_c   92.093
_cell.angle_alpha   90.000
_cell.angle_beta   90.000
_cell.angle_gamma   90.000
#
_symmetry.space_group_name_H-M   'P 21 21 21'
#
loop_
_entity.id
_entity.type
_entity.pdbx_description
1 polymer 'Esterase A'
2 water water
#
_entity_poly.entity_id   1
_entity_poly.type   'polypeptide(L)'
_entity_poly.pdbx_seq_one_letter_code
;MRGSHHHHHHGSMTDITGVCPDRFAAVREVFEQNFADGGELGARFAFAIEGEVVVDLMGGFADRKRQVPFGPDTLTALFS
TTKAVAALLIARLVDEGRLAYDQAVADVWPEFAQAGKDAVTVEQALSHQAGLSGFPDETDPAIWFDWDATCAKLAAMAPL
FPIGSASGYHPVTYGYLAGEIFRRVDGRTMGTALREDICEPLGLDLWIGLPDSEHDRVADLMRPTAMPQFGEINPAVEAA
FFKPWSSPGGKGAAEWRRVEIPSANGHATAPALARLMGALAHGGTLDGRSLITPAGIKAATAERLRGRDLVLPYEISWGA
GFMRNEPNFYYGPTAEAFGHSGWGGSCAFADPTRGVSGAYVMNKQGNALIGDPRSVRLIEAAYASL
;
_entity_poly.pdbx_strand_id   A
#
# COMPACT_ATOMS: atom_id res chain seq x y z
N THR A 14 20.39 -0.81 -21.34
CA THR A 14 18.97 -1.00 -21.03
C THR A 14 18.08 -0.14 -21.92
N ASP A 15 17.03 -0.75 -22.49
CA ASP A 15 16.07 -0.04 -23.32
C ASP A 15 14.98 0.53 -22.43
N ILE A 16 14.93 1.86 -22.33
CA ILE A 16 13.88 2.56 -21.59
C ILE A 16 12.84 2.99 -22.62
N THR A 17 11.57 2.72 -22.35
CA THR A 17 10.51 3.09 -23.27
C THR A 17 9.36 3.72 -22.51
N GLY A 18 8.48 4.41 -23.25
CA GLY A 18 7.32 5.03 -22.63
C GLY A 18 7.17 6.49 -23.03
N VAL A 19 6.57 7.29 -22.16
CA VAL A 19 6.36 8.71 -22.46
C VAL A 19 7.04 9.53 -21.39
N CYS A 20 7.80 10.53 -21.83
CA CYS A 20 8.47 11.41 -20.88
C CYS A 20 8.75 12.72 -21.60
N PRO A 21 7.89 13.74 -21.41
CA PRO A 21 8.10 15.01 -22.11
C PRO A 21 9.43 15.64 -21.73
N ASP A 22 9.87 16.56 -22.59
CA ASP A 22 11.08 17.34 -22.35
C ASP A 22 11.12 17.94 -20.94
N ARG A 23 9.96 18.36 -20.43
CA ARG A 23 9.94 18.96 -19.09
C ARG A 23 10.49 18.01 -18.04
N PHE A 24 10.31 16.69 -18.23
CA PHE A 24 10.69 15.70 -17.22
C PHE A 24 11.90 14.88 -17.66
N ALA A 25 12.77 15.45 -18.50
CA ALA A 25 13.96 14.73 -18.95
C ALA A 25 14.79 14.20 -17.79
N ALA A 26 14.85 14.95 -16.67
CA ALA A 26 15.62 14.47 -15.52
C ALA A 26 15.08 13.15 -14.98
N VAL A 27 13.77 12.93 -15.07
CA VAL A 27 13.20 11.66 -14.61
C VAL A 27 13.73 10.52 -15.46
N ARG A 28 13.73 10.68 -16.79
CA ARG A 28 14.25 9.62 -17.66
C ARG A 28 15.72 9.35 -17.35
N GLU A 29 16.50 10.41 -17.09
CA GLU A 29 17.93 10.21 -16.77
C GLU A 29 18.10 9.38 -15.50
N VAL A 30 17.36 9.73 -14.44
CA VAL A 30 17.44 8.99 -13.18
C VAL A 30 16.96 7.56 -13.36
N PHE A 31 15.85 7.40 -14.10
CA PHE A 31 15.31 6.07 -14.40
C PHE A 31 16.37 5.21 -15.09
N GLU A 32 16.97 5.72 -16.15
CA GLU A 32 18.05 4.98 -16.81
C GLU A 32 19.17 4.64 -15.83
N GLN A 33 19.54 5.57 -14.96
CA GLN A 33 20.63 5.28 -14.02
C GLN A 33 20.25 4.19 -13.03
N ASN A 34 18.97 4.10 -12.60
CA ASN A 34 18.55 3.01 -11.71
C ASN A 34 18.86 1.64 -12.32
N PHE A 35 18.77 1.52 -13.64
CA PHE A 35 19.09 0.25 -14.29
C PHE A 35 20.59 0.00 -14.42
N ALA A 36 21.42 1.02 -14.24
CA ALA A 36 22.87 0.84 -14.36
C ALA A 36 23.42 -0.03 -13.23
N ASP A 37 24.47 -0.79 -13.55
CA ASP A 37 25.16 -1.61 -12.56
C ASP A 37 24.21 -2.58 -11.86
N GLY A 38 23.28 -3.13 -12.64
CA GLY A 38 22.36 -4.15 -12.12
C GLY A 38 21.46 -3.70 -11.00
N GLY A 39 20.98 -2.46 -11.03
CA GLY A 39 20.10 -2.01 -9.95
C GLY A 39 18.67 -2.50 -10.04
N GLU A 40 18.28 -3.08 -11.17
CA GLU A 40 16.89 -3.43 -11.43
C GLU A 40 16.80 -4.80 -12.08
N LEU A 41 15.58 -5.34 -12.05
CA LEU A 41 15.18 -6.37 -13.02
C LEU A 41 14.26 -5.70 -14.03
N GLY A 42 13.02 -5.40 -13.65
CA GLY A 42 12.17 -4.54 -14.45
C GLY A 42 11.45 -3.54 -13.56
N ALA A 43 11.02 -2.44 -14.17
CA ALA A 43 10.36 -1.41 -13.37
C ALA A 43 9.54 -0.49 -14.27
N ARG A 44 8.57 0.17 -13.64
CA ARG A 44 7.78 1.19 -14.31
C ARG A 44 7.56 2.33 -13.32
N PHE A 45 7.71 3.57 -13.81
CA PHE A 45 7.52 4.74 -12.98
C PHE A 45 6.55 5.66 -13.70
N ALA A 46 5.52 6.10 -12.98
CA ALA A 46 4.51 6.96 -13.54
C ALA A 46 4.33 8.18 -12.65
N PHE A 47 4.16 9.34 -13.27
CA PHE A 47 3.99 10.60 -12.57
C PHE A 47 2.81 11.33 -13.19
N ALA A 48 1.95 11.88 -12.34
CA ALA A 48 0.69 12.45 -12.80
C ALA A 48 0.50 13.85 -12.24
N ILE A 49 -0.12 14.71 -13.04
CA ILE A 49 -0.44 16.08 -12.67
C ILE A 49 -1.94 16.22 -12.80
N GLU A 50 -2.61 16.56 -11.70
CA GLU A 50 -4.06 16.67 -11.65
C GLU A 50 -4.72 15.43 -12.25
N GLY A 51 -4.23 14.26 -11.85
CA GLY A 51 -4.81 13.00 -12.27
C GLY A 51 -4.41 12.51 -13.64
N GLU A 52 -3.69 13.31 -14.42
CA GLU A 52 -3.29 12.98 -15.78
C GLU A 52 -1.85 12.45 -15.74
N VAL A 53 -1.65 11.22 -16.21
CA VAL A 53 -0.29 10.67 -16.27
C VAL A 53 0.53 11.45 -17.30
N VAL A 54 1.66 12.04 -16.86
CA VAL A 54 2.52 12.78 -17.77
C VAL A 54 3.84 12.07 -18.03
N VAL A 55 4.34 11.28 -17.09
CA VAL A 55 5.53 10.45 -17.28
C VAL A 55 5.11 9.01 -17.05
N ASP A 56 5.49 8.12 -17.96
CA ASP A 56 5.21 6.71 -17.79
C ASP A 56 6.34 5.95 -18.49
N LEU A 57 7.36 5.56 -17.71
CA LEU A 57 8.56 4.96 -18.25
C LEU A 57 8.67 3.50 -17.82
N MET A 58 9.14 2.65 -18.74
CA MET A 58 9.30 1.22 -18.54
C MET A 58 10.74 0.82 -18.85
N GLY A 59 11.28 -0.13 -18.10
CA GLY A 59 12.61 -0.63 -18.42
C GLY A 59 12.79 -2.06 -17.96
N GLY A 60 13.72 -2.76 -18.62
CA GLY A 60 14.10 -4.08 -18.13
C GLY A 60 13.06 -5.17 -18.40
N PHE A 61 12.97 -6.12 -17.45
CA PHE A 61 12.36 -7.42 -17.73
C PHE A 61 11.33 -7.82 -16.69
N ALA A 62 10.30 -8.52 -17.18
CA ALA A 62 9.25 -9.04 -16.30
C ALA A 62 9.68 -10.36 -15.66
N ASP A 63 10.59 -11.10 -16.29
CA ASP A 63 10.93 -12.45 -15.87
C ASP A 63 12.38 -12.53 -15.36
N ARG A 64 12.62 -13.49 -14.45
CA ARG A 64 13.97 -13.65 -13.91
C ARG A 64 14.98 -14.05 -14.99
N LYS A 65 14.53 -14.71 -16.06
CA LYS A 65 15.43 -15.10 -17.14
C LYS A 65 15.81 -13.94 -18.06
N ARG A 66 15.20 -12.76 -17.89
CA ARG A 66 15.47 -11.59 -18.72
C ARG A 66 15.18 -11.85 -20.19
N GLN A 67 14.15 -12.64 -20.48
CA GLN A 67 13.70 -12.90 -21.84
C GLN A 67 12.40 -12.21 -22.20
N VAL A 68 11.72 -11.56 -21.25
CA VAL A 68 10.40 -10.97 -21.47
C VAL A 68 10.44 -9.53 -21.01
N PRO A 69 10.06 -8.55 -21.82
CA PRO A 69 10.15 -7.16 -21.37
C PRO A 69 9.11 -6.83 -20.31
N PHE A 70 9.51 -5.97 -19.36
CA PHE A 70 8.58 -5.36 -18.42
C PHE A 70 7.78 -4.30 -19.18
N GLY A 71 6.52 -4.58 -19.47
CA GLY A 71 5.81 -3.88 -20.51
C GLY A 71 4.50 -3.26 -20.07
N PRO A 72 3.73 -2.71 -21.03
CA PRO A 72 2.51 -1.98 -20.69
C PRO A 72 1.50 -2.78 -19.89
N ASP A 73 1.40 -4.10 -20.10
CA ASP A 73 0.40 -4.89 -19.40
C ASP A 73 1.01 -5.76 -18.30
N THR A 74 2.27 -5.53 -17.95
CA THR A 74 2.91 -6.34 -16.92
C THR A 74 2.38 -5.94 -15.54
N LEU A 75 1.76 -6.88 -14.82
CA LEU A 75 1.33 -6.68 -13.43
C LEU A 75 2.41 -7.09 -12.46
N THR A 76 2.45 -6.44 -11.29
CA THR A 76 3.40 -6.80 -10.24
C THR A 76 2.70 -6.80 -8.89
N ALA A 77 3.06 -7.76 -8.05
CA ALA A 77 2.63 -7.71 -6.66
C ALA A 77 3.08 -6.42 -5.97
N LEU A 78 2.15 -5.77 -5.27
CA LEU A 78 2.41 -4.46 -4.66
C LEU A 78 2.82 -4.55 -3.19
N PHE A 79 2.62 -5.70 -2.56
CA PHE A 79 2.82 -5.89 -1.12
C PHE A 79 2.14 -4.73 -0.40
N SER A 80 2.80 -4.09 0.58
CA SER A 80 2.10 -3.15 1.44
CA SER A 80 2.09 -3.15 1.43
C SER A 80 1.74 -1.85 0.73
N THR A 81 2.20 -1.62 -0.50
CA THR A 81 1.64 -0.48 -1.23
C THR A 81 0.13 -0.65 -1.37
N THR A 82 -0.36 -1.90 -1.36
CA THR A 82 -1.79 -2.17 -1.34
C THR A 82 -2.53 -1.46 -0.21
N LYS A 83 -1.86 -1.23 0.93
CA LYS A 83 -2.53 -0.60 2.07
C LYS A 83 -3.07 0.79 1.76
N ALA A 84 -2.45 1.51 0.81
CA ALA A 84 -3.00 2.80 0.41
C ALA A 84 -4.36 2.63 -0.26
N VAL A 85 -4.54 1.53 -1.00
CA VAL A 85 -5.83 1.24 -1.62
C VAL A 85 -6.86 0.87 -0.55
N ALA A 86 -6.47 0.04 0.41
CA ALA A 86 -7.38 -0.28 1.51
C ALA A 86 -7.80 0.98 2.24
N ALA A 87 -6.84 1.89 2.47
CA ALA A 87 -7.16 3.12 3.19
C ALA A 87 -8.15 3.96 2.42
N LEU A 88 -7.97 4.07 1.10
CA LEU A 88 -8.91 4.81 0.28
C LEU A 88 -10.31 4.21 0.36
N LEU A 89 -10.42 2.88 0.28
CA LEU A 89 -11.73 2.25 0.30
C LEU A 89 -12.46 2.54 1.61
N ILE A 90 -11.74 2.52 2.74
CA ILE A 90 -12.36 2.90 4.01
C ILE A 90 -12.73 4.38 4.00
N ALA A 91 -11.81 5.23 3.54
CA ALA A 91 -12.06 6.67 3.52
C ALA A 91 -13.35 6.99 2.76
N ARG A 92 -13.63 6.25 1.69
CA ARG A 92 -14.88 6.43 0.95
C ARG A 92 -16.11 6.09 1.80
N LEU A 93 -16.08 4.94 2.51
CA LEU A 93 -17.20 4.60 3.39
C LEU A 93 -17.46 5.69 4.42
N VAL A 94 -16.40 6.24 5.01
CA VAL A 94 -16.58 7.30 6.00
C VAL A 94 -17.16 8.54 5.33
N ASP A 95 -16.57 8.93 4.21
CA ASP A 95 -17.05 10.11 3.49
C ASP A 95 -18.51 9.98 3.10
N GLU A 96 -18.95 8.78 2.78
CA GLU A 96 -20.34 8.51 2.42
C GLU A 96 -21.27 8.47 3.63
N GLY A 97 -20.74 8.61 4.85
CA GLY A 97 -21.58 8.55 6.04
C GLY A 97 -22.03 7.17 6.45
N ARG A 98 -21.38 6.11 5.97
CA ARG A 98 -21.73 4.76 6.35
C ARG A 98 -20.90 4.24 7.52
N LEU A 99 -19.92 5.02 7.97
CA LEU A 99 -18.91 4.64 8.95
C LEU A 99 -18.29 5.94 9.41
N ALA A 100 -17.76 5.95 10.64
CA ALA A 100 -17.10 7.14 11.16
C ALA A 100 -15.73 6.71 11.69
N TYR A 101 -14.73 7.58 11.51
CA TYR A 101 -13.38 7.23 11.93
C TYR A 101 -13.30 7.04 13.44
N ASP A 102 -14.12 7.74 14.21
CA ASP A 102 -14.07 7.59 15.66
C ASP A 102 -15.11 6.61 16.19
N GLN A 103 -15.73 5.85 15.29
CA GLN A 103 -16.65 4.78 15.65
C GLN A 103 -15.87 3.57 16.14
N ALA A 104 -16.37 2.94 17.21
CA ALA A 104 -15.77 1.71 17.72
C ALA A 104 -15.87 0.60 16.68
N VAL A 105 -14.74 -0.08 16.44
CA VAL A 105 -14.74 -1.24 15.56
C VAL A 105 -15.83 -2.22 15.99
N ALA A 106 -15.96 -2.41 17.30
CA ALA A 106 -16.94 -3.36 17.82
C ALA A 106 -18.36 -3.01 17.39
N ASP A 107 -18.62 -1.73 17.08
CA ASP A 107 -19.97 -1.35 16.66
C ASP A 107 -20.38 -2.04 15.37
N VAL A 108 -19.44 -2.25 14.44
CA VAL A 108 -19.78 -2.94 13.19
C VAL A 108 -19.29 -4.38 13.18
N TRP A 109 -18.49 -4.78 14.16
CA TRP A 109 -17.86 -6.11 14.21
C TRP A 109 -17.92 -6.55 15.67
N PRO A 110 -19.10 -6.97 16.15
CA PRO A 110 -19.29 -7.15 17.60
C PRO A 110 -18.29 -8.10 18.22
N GLU A 111 -17.86 -9.13 17.49
CA GLU A 111 -16.89 -10.08 18.02
C GLU A 111 -15.54 -9.43 18.34
N PHE A 112 -15.25 -8.27 17.74
CA PHE A 112 -13.99 -7.59 17.99
C PHE A 112 -13.87 -7.10 19.43
N ALA A 113 -14.98 -6.99 20.17
CA ALA A 113 -14.92 -6.42 21.51
C ALA A 113 -14.12 -7.29 22.50
N GLN A 114 -13.79 -8.52 22.14
CA GLN A 114 -13.12 -9.42 23.08
C GLN A 114 -11.77 -8.88 23.53
N ALA A 115 -11.34 -9.38 24.70
CA ALA A 115 -10.00 -9.10 25.25
C ALA A 115 -9.75 -7.61 25.44
N GLY A 116 -10.78 -6.86 25.77
CA GLY A 116 -10.60 -5.46 26.11
C GLY A 116 -10.55 -4.48 24.96
N LYS A 117 -10.95 -4.88 23.74
CA LYS A 117 -10.89 -4.00 22.58
C LYS A 117 -12.23 -3.33 22.25
N ASP A 118 -13.15 -3.25 23.20
CA ASP A 118 -14.50 -2.77 22.90
C ASP A 118 -14.56 -1.30 22.52
N ALA A 119 -13.53 -0.51 22.85
CA ALA A 119 -13.51 0.92 22.51
C ALA A 119 -12.54 1.27 21.39
N VAL A 120 -11.75 0.33 20.89
CA VAL A 120 -10.84 0.62 19.78
C VAL A 120 -11.64 1.17 18.61
N THR A 121 -11.20 2.31 18.06
CA THR A 121 -11.94 2.92 16.96
C THR A 121 -11.37 2.52 15.59
N VAL A 122 -12.14 2.84 14.55
CA VAL A 122 -11.71 2.59 13.17
C VAL A 122 -10.36 3.24 12.91
N GLU A 123 -10.23 4.55 13.22
CA GLU A 123 -8.99 5.22 12.87
C GLU A 123 -7.82 4.75 13.74
N GLN A 124 -8.08 4.28 14.97
CA GLN A 124 -7.01 3.69 15.77
C GLN A 124 -6.49 2.42 15.13
N ALA A 125 -7.40 1.57 14.62
CA ALA A 125 -7.00 0.34 13.94
C ALA A 125 -6.19 0.63 12.69
N LEU A 126 -6.62 1.61 11.91
CA LEU A 126 -5.98 1.89 10.62
C LEU A 126 -4.65 2.61 10.78
N SER A 127 -4.39 3.22 11.94
CA SER A 127 -3.10 3.85 12.20
C SER A 127 -2.19 2.98 13.08
N HIS A 128 -2.45 1.67 13.13
CA HIS A 128 -1.56 0.69 13.73
C HIS A 128 -1.43 0.90 15.24
N GLN A 129 -2.50 1.36 15.88
CA GLN A 129 -2.50 1.58 17.31
C GLN A 129 -3.12 0.44 18.12
N ALA A 130 -3.84 -0.48 17.47
CA ALA A 130 -4.68 -1.44 18.18
C ALA A 130 -3.90 -2.64 18.72
N GLY A 131 -2.59 -2.69 18.58
CA GLY A 131 -1.81 -3.72 19.25
C GLY A 131 -1.89 -5.10 18.67
N LEU A 132 -2.31 -5.24 17.42
CA LEU A 132 -2.50 -6.56 16.80
C LEU A 132 -1.49 -6.76 15.67
N SER A 133 -0.24 -6.31 15.88
CA SER A 133 0.76 -6.25 14.81
C SER A 133 1.03 -7.62 14.18
N GLY A 134 0.94 -8.67 14.98
CA GLY A 134 1.02 -10.04 14.50
C GLY A 134 0.49 -10.94 15.60
N PHE A 135 0.37 -12.22 15.29
CA PHE A 135 0.00 -13.20 16.29
C PHE A 135 1.24 -13.62 17.09
N PRO A 136 1.27 -13.40 18.41
CA PRO A 136 2.45 -13.83 19.18
C PRO A 136 2.48 -15.31 19.48
N ASP A 137 1.34 -15.99 19.43
CA ASP A 137 1.19 -17.38 19.84
C ASP A 137 1.20 -18.31 18.62
N GLU A 138 1.54 -19.57 18.89
CA GLU A 138 1.67 -20.58 17.83
C GLU A 138 0.45 -20.56 16.90
N THR A 139 0.70 -20.51 15.60
CA THR A 139 -0.38 -20.33 14.65
C THR A 139 -0.05 -21.09 13.37
N ASP A 140 -1.06 -21.75 12.82
CA ASP A 140 -0.93 -22.41 11.53
C ASP A 140 -0.55 -21.36 10.48
N PRO A 141 0.55 -21.52 9.74
CA PRO A 141 0.93 -20.51 8.75
C PRO A 141 -0.03 -20.38 7.58
N ALA A 142 -0.98 -21.30 7.39
CA ALA A 142 -1.97 -21.17 6.32
C ALA A 142 -3.23 -20.48 6.79
N ILE A 143 -3.29 -20.00 8.03
CA ILE A 143 -4.49 -19.34 8.53
C ILE A 143 -4.86 -18.16 7.64
N TRP A 144 -3.85 -17.49 7.07
CA TRP A 144 -4.07 -16.29 6.27
C TRP A 144 -4.96 -16.56 5.06
N PHE A 145 -4.98 -17.82 4.57
CA PHE A 145 -5.84 -18.17 3.44
C PHE A 145 -7.28 -18.47 3.85
N ASP A 146 -7.59 -18.39 5.14
CA ASP A 146 -8.93 -18.61 5.67
C ASP A 146 -9.36 -17.28 6.28
N TRP A 147 -10.03 -16.45 5.48
CA TRP A 147 -10.43 -15.11 5.92
C TRP A 147 -11.12 -15.14 7.28
N ASP A 148 -12.12 -16.01 7.43
CA ASP A 148 -12.90 -16.03 8.67
C ASP A 148 -12.05 -16.47 9.86
N ALA A 149 -11.17 -17.45 9.67
CA ALA A 149 -10.34 -17.87 10.80
C ALA A 149 -9.35 -16.79 11.22
N THR A 150 -8.79 -16.05 10.25
CA THR A 150 -7.88 -14.97 10.61
C THR A 150 -8.61 -13.87 11.38
N CYS A 151 -9.77 -13.42 10.88
CA CYS A 151 -10.52 -12.37 11.58
C CYS A 151 -10.97 -12.84 12.95
N ALA A 152 -11.36 -14.11 13.08
CA ALA A 152 -11.77 -14.60 14.38
C ALA A 152 -10.61 -14.55 15.37
N LYS A 153 -9.41 -14.91 14.92
CA LYS A 153 -8.25 -14.88 15.80
C LYS A 153 -7.90 -13.45 16.21
N LEU A 154 -8.00 -12.49 15.28
CA LEU A 154 -7.78 -11.09 15.62
C LEU A 154 -8.84 -10.60 16.60
N ALA A 155 -10.12 -10.92 16.33
CA ALA A 155 -11.18 -10.47 17.21
C ALA A 155 -10.96 -10.96 18.63
N ALA A 156 -10.37 -12.13 18.80
CA ALA A 156 -10.16 -12.69 20.12
C ALA A 156 -8.85 -12.25 20.77
N MET A 157 -7.96 -11.59 20.01
CA MET A 157 -6.61 -11.36 20.50
C MET A 157 -6.53 -10.16 21.44
N ALA A 158 -5.71 -10.31 22.50
CA ALA A 158 -5.39 -9.21 23.40
C ALA A 158 -4.30 -8.34 22.80
N PRO A 159 -4.43 -7.00 22.89
CA PRO A 159 -3.44 -6.11 22.28
C PRO A 159 -2.06 -6.25 22.90
N LEU A 160 -1.04 -6.10 22.07
CA LEU A 160 0.36 -6.21 22.49
C LEU A 160 0.91 -4.92 23.08
N PHE A 161 0.19 -3.81 23.00
CA PHE A 161 0.65 -2.52 23.50
C PHE A 161 -0.56 -1.57 23.56
N PRO A 162 -0.43 -0.47 24.31
CA PRO A 162 -1.61 0.38 24.56
C PRO A 162 -1.94 1.27 23.39
N ILE A 163 -3.24 1.58 23.29
CA ILE A 163 -3.69 2.64 22.38
C ILE A 163 -3.00 3.94 22.74
N GLY A 164 -2.61 4.71 21.72
CA GLY A 164 -2.05 6.03 21.92
C GLY A 164 -0.69 6.05 22.60
N SER A 165 0.07 4.97 22.46
CA SER A 165 1.42 4.95 23.00
C SER A 165 2.38 5.17 21.84
N ALA A 166 2.69 4.10 21.11
CA ALA A 166 3.40 4.20 19.84
C ALA A 166 2.69 3.31 18.83
N SER A 167 2.70 3.72 17.57
CA SER A 167 2.21 2.83 16.53
C SER A 167 3.13 1.62 16.43
N GLY A 168 2.53 0.47 16.09
CA GLY A 168 3.28 -0.74 15.85
C GLY A 168 2.77 -1.38 14.57
N TYR A 169 3.43 -1.07 13.47
CA TYR A 169 2.95 -1.43 12.14
C TYR A 169 2.49 -2.88 12.06
N HIS A 170 1.28 -3.08 11.52
CA HIS A 170 0.64 -4.37 11.30
C HIS A 170 0.87 -4.80 9.85
N PRO A 171 1.93 -5.54 9.52
CA PRO A 171 2.23 -5.75 8.08
C PRO A 171 1.20 -6.63 7.36
N VAL A 172 0.63 -7.63 8.02
CA VAL A 172 -0.35 -8.52 7.40
C VAL A 172 -1.74 -8.33 8.01
N THR A 173 -1.83 -8.27 9.33
CA THR A 173 -3.13 -8.24 10.01
C THR A 173 -3.95 -7.01 9.62
N TYR A 174 -3.30 -5.90 9.27
CA TYR A 174 -4.02 -4.69 8.88
C TYR A 174 -5.03 -4.97 7.78
N GLY A 175 -4.68 -5.82 6.82
CA GLY A 175 -5.57 -6.05 5.70
C GLY A 175 -6.84 -6.75 6.11
N TYR A 176 -6.77 -7.59 7.15
CA TYR A 176 -7.95 -8.25 7.67
C TYR A 176 -8.76 -7.32 8.54
N LEU A 177 -8.09 -6.45 9.31
CA LEU A 177 -8.82 -5.44 10.09
C LEU A 177 -9.59 -4.51 9.17
N ALA A 178 -8.89 -3.87 8.23
CA ALA A 178 -9.54 -2.98 7.27
C ALA A 178 -10.56 -3.73 6.43
N GLY A 179 -10.21 -4.92 5.96
CA GLY A 179 -11.08 -5.64 5.04
C GLY A 179 -12.38 -6.07 5.70
N GLU A 180 -12.31 -6.46 6.97
CA GLU A 180 -13.50 -6.99 7.62
C GLU A 180 -14.43 -5.87 8.04
N ILE A 181 -13.87 -4.74 8.50
CA ILE A 181 -14.68 -3.54 8.73
C ILE A 181 -15.40 -3.17 7.44
N PHE A 182 -14.66 -3.12 6.33
CA PHE A 182 -15.26 -2.80 5.04
C PHE A 182 -16.39 -3.77 4.67
N ARG A 183 -16.11 -5.07 4.74
CA ARG A 183 -17.08 -6.09 4.35
C ARG A 183 -18.37 -5.98 5.16
N ARG A 184 -18.25 -5.82 6.47
CA ARG A 184 -19.44 -5.74 7.31
C ARG A 184 -20.24 -4.48 7.04
N VAL A 185 -19.60 -3.38 6.63
CA VAL A 185 -20.34 -2.15 6.38
C VAL A 185 -20.85 -2.09 4.95
N ASP A 186 -19.97 -2.29 3.99
CA ASP A 186 -20.36 -2.19 2.58
C ASP A 186 -21.15 -3.41 2.14
N GLY A 187 -20.77 -4.59 2.60
CA GLY A 187 -21.42 -5.81 2.12
C GLY A 187 -20.54 -6.64 1.21
N ARG A 188 -19.75 -5.98 0.36
CA ARG A 188 -18.85 -6.64 -0.57
C ARG A 188 -17.44 -6.68 0.02
N THR A 189 -16.61 -7.58 -0.52
CA THR A 189 -15.19 -7.53 -0.17
C THR A 189 -14.56 -6.26 -0.73
N MET A 190 -13.40 -5.89 -0.18
CA MET A 190 -12.69 -4.73 -0.72
C MET A 190 -12.37 -4.93 -2.19
N GLY A 191 -11.89 -6.11 -2.58
CA GLY A 191 -11.46 -6.31 -3.95
C GLY A 191 -12.64 -6.21 -4.91
N THR A 192 -13.81 -6.69 -4.49
CA THR A 192 -14.98 -6.64 -5.35
C THR A 192 -15.48 -5.21 -5.51
N ALA A 193 -15.58 -4.48 -4.40
CA ALA A 193 -16.00 -3.09 -4.47
C ALA A 193 -15.00 -2.26 -5.27
N LEU A 194 -13.69 -2.48 -5.04
CA LEU A 194 -12.68 -1.77 -5.82
C LEU A 194 -12.89 -1.98 -7.31
N ARG A 195 -13.11 -3.23 -7.71
CA ARG A 195 -13.28 -3.54 -9.13
C ARG A 195 -14.58 -2.94 -9.67
N GLU A 196 -15.68 -3.09 -8.93
CA GLU A 196 -16.99 -2.66 -9.43
C GLU A 196 -17.11 -1.14 -9.45
N ASP A 197 -16.64 -0.47 -8.41
CA ASP A 197 -16.89 0.95 -8.25
C ASP A 197 -15.80 1.85 -8.84
N ILE A 198 -14.59 1.32 -9.04
CA ILE A 198 -13.47 2.18 -9.40
C ILE A 198 -12.73 1.66 -10.63
N CYS A 199 -12.22 0.42 -10.56
CA CYS A 199 -11.28 -0.02 -11.60
C CYS A 199 -11.98 -0.38 -12.90
N GLU A 200 -13.11 -1.09 -12.85
CA GLU A 200 -13.84 -1.32 -14.09
C GLU A 200 -14.35 -0.03 -14.72
N PRO A 201 -15.05 0.86 -14.03
CA PRO A 201 -15.55 2.07 -14.70
C PRO A 201 -14.45 2.96 -15.22
N LEU A 202 -13.33 3.07 -14.51
CA LEU A 202 -12.28 4.01 -14.89
C LEU A 202 -11.15 3.36 -15.69
N GLY A 203 -11.24 2.06 -15.98
CA GLY A 203 -10.20 1.35 -16.70
C GLY A 203 -8.84 1.35 -16.02
N LEU A 204 -8.80 1.07 -14.72
CA LEU A 204 -7.55 1.02 -13.97
C LEU A 204 -7.07 -0.43 -13.90
N ASP A 205 -5.80 -0.65 -14.27
CA ASP A 205 -5.22 -1.99 -14.23
C ASP A 205 -4.67 -2.25 -12.82
N LEU A 206 -5.62 -2.45 -11.90
CA LEU A 206 -5.33 -2.58 -10.47
C LEU A 206 -6.33 -3.55 -9.87
N TRP A 207 -5.85 -4.48 -9.05
CA TRP A 207 -6.62 -5.63 -8.62
C TRP A 207 -6.28 -5.98 -7.18
N ILE A 208 -7.30 -6.32 -6.40
CA ILE A 208 -7.10 -7.05 -5.15
C ILE A 208 -7.91 -8.33 -5.28
N GLY A 209 -7.21 -9.47 -5.36
CA GLY A 209 -7.83 -10.70 -5.83
C GLY A 209 -7.74 -10.78 -7.34
N LEU A 210 -6.76 -11.51 -7.85
CA LEU A 210 -6.44 -11.52 -9.26
C LEU A 210 -6.92 -12.81 -9.92
N PRO A 211 -7.86 -12.76 -10.87
CA PRO A 211 -8.32 -13.99 -11.52
C PRO A 211 -7.20 -14.68 -12.29
N ASP A 212 -7.31 -16.02 -12.39
CA ASP A 212 -6.31 -16.82 -13.10
C ASP A 212 -6.01 -16.28 -14.50
N SER A 213 -7.02 -15.72 -15.19
CA SER A 213 -6.82 -15.26 -16.56
C SER A 213 -5.77 -14.16 -16.67
N GLU A 214 -5.47 -13.47 -15.56
CA GLU A 214 -4.46 -12.42 -15.53
C GLU A 214 -3.08 -12.90 -15.08
N HIS A 215 -2.95 -14.17 -14.67
CA HIS A 215 -1.71 -14.57 -14.01
C HIS A 215 -0.51 -14.59 -14.95
N ASP A 216 -0.74 -14.80 -16.26
CA ASP A 216 0.39 -14.92 -17.19
C ASP A 216 1.12 -13.61 -17.40
N ARG A 217 0.50 -12.47 -17.09
CA ARG A 217 1.20 -11.19 -17.25
C ARG A 217 1.74 -10.65 -15.92
N VAL A 218 1.75 -11.48 -14.88
CA VAL A 218 2.32 -11.09 -13.59
C VAL A 218 3.83 -11.31 -13.62
N ALA A 219 4.58 -10.28 -13.22
CA ALA A 219 6.04 -10.36 -13.26
C ALA A 219 6.56 -11.35 -12.23
N ASP A 220 7.65 -12.04 -12.58
CA ASP A 220 8.46 -12.71 -11.57
C ASP A 220 9.01 -11.71 -10.57
N LEU A 221 9.19 -12.16 -9.34
CA LEU A 221 9.88 -11.39 -8.33
C LEU A 221 11.28 -11.93 -8.12
N MET A 222 12.20 -11.04 -7.80
CA MET A 222 13.52 -11.41 -7.33
C MET A 222 13.60 -11.00 -5.87
N ARG A 223 13.80 -11.98 -4.99
CA ARG A 223 13.77 -11.74 -3.57
C ARG A 223 15.03 -10.98 -3.13
N PRO A 224 14.99 -10.34 -1.96
CA PRO A 224 16.10 -9.44 -1.59
C PRO A 224 17.41 -10.19 -1.44
N THR A 225 18.51 -9.47 -1.69
CA THR A 225 19.84 -10.04 -1.48
C THR A 225 20.16 -10.21 0.00
N ALA A 226 19.60 -9.36 0.86
CA ALA A 226 19.87 -9.40 2.29
C ALA A 226 18.64 -8.91 3.04
N MET A 227 18.53 -9.30 4.30
CA MET A 227 17.34 -8.94 5.08
C MET A 227 17.36 -7.45 5.42
N PRO A 228 16.19 -6.84 5.56
CA PRO A 228 16.13 -5.48 6.09
C PRO A 228 16.60 -5.45 7.52
N GLN A 229 17.16 -4.31 7.91
CA GLN A 229 17.71 -4.11 9.26
C GLN A 229 16.60 -3.53 10.15
N PHE A 230 15.99 -4.39 10.95
CA PHE A 230 14.98 -3.93 11.89
C PHE A 230 15.63 -3.26 13.10
N GLY A 231 14.79 -2.68 13.94
CA GLY A 231 15.25 -2.05 15.17
C GLY A 231 15.44 -3.05 16.28
N GLU A 232 15.28 -2.56 17.51
CA GLU A 232 15.36 -3.46 18.65
C GLU A 232 14.17 -4.41 18.64
N ILE A 233 14.45 -5.67 18.99
CA ILE A 233 13.42 -6.68 19.08
C ILE A 233 12.48 -6.34 20.24
N ASN A 234 11.19 -6.58 20.01
CA ASN A 234 10.15 -6.41 21.02
C ASN A 234 9.00 -7.31 20.60
N PRO A 235 8.01 -7.54 21.47
CA PRO A 235 6.97 -8.53 21.11
C PRO A 235 6.19 -8.18 19.83
N ALA A 236 6.07 -6.89 19.51
CA ALA A 236 5.31 -6.48 18.32
C ALA A 236 6.08 -6.80 17.05
N VAL A 237 7.35 -6.39 16.98
CA VAL A 237 8.12 -6.71 15.77
C VAL A 237 8.32 -8.21 15.67
N GLU A 238 8.52 -8.90 16.79
CA GLU A 238 8.63 -10.36 16.80
C GLU A 238 7.40 -11.01 16.17
N ALA A 239 6.21 -10.67 16.66
CA ALA A 239 4.98 -11.26 16.12
C ALA A 239 4.75 -10.85 14.67
N ALA A 240 5.09 -9.59 14.33
CA ALA A 240 4.77 -9.08 12.99
C ALA A 240 5.61 -9.76 11.92
N PHE A 241 6.89 -10.00 12.20
CA PHE A 241 7.81 -10.38 11.13
C PHE A 241 8.61 -11.64 11.37
N PHE A 242 8.77 -12.12 12.61
CA PHE A 242 9.80 -13.11 12.87
C PHE A 242 9.24 -14.45 13.34
N LYS A 243 7.96 -14.70 13.17
CA LYS A 243 7.40 -15.99 13.48
C LYS A 243 7.31 -16.84 12.23
N PRO A 244 7.28 -18.17 12.36
CA PRO A 244 7.05 -19.02 11.19
C PRO A 244 5.74 -18.73 10.48
N TRP A 245 4.77 -18.16 11.18
CA TRP A 245 3.46 -17.87 10.63
C TRP A 245 3.26 -16.39 10.32
N SER A 246 4.30 -15.56 10.45
CA SER A 246 4.14 -14.13 10.25
C SER A 246 3.69 -13.79 8.83
N SER A 247 4.06 -14.60 7.83
CA SER A 247 3.63 -14.28 6.48
C SER A 247 2.87 -15.45 5.87
N PRO A 248 1.95 -15.18 4.91
CA PRO A 248 1.12 -16.24 4.33
C PRO A 248 1.93 -17.31 3.59
N LYS A 251 0.71 -22.66 0.99
CA LYS A 251 -0.03 -22.74 -0.27
C LYS A 251 0.72 -21.97 -1.37
N GLY A 252 0.28 -22.12 -2.63
CA GLY A 252 1.08 -21.74 -3.77
C GLY A 252 0.85 -20.32 -4.29
N ALA A 253 1.58 -19.99 -5.36
CA ALA A 253 1.58 -18.63 -5.89
C ALA A 253 0.22 -18.25 -6.48
N ALA A 254 -0.45 -19.20 -7.16
CA ALA A 254 -1.75 -18.92 -7.78
C ALA A 254 -2.82 -18.62 -6.72
N GLU A 255 -2.88 -19.40 -5.64
CA GLU A 255 -3.87 -19.09 -4.62
C GLU A 255 -3.56 -17.78 -3.91
N TRP A 256 -2.27 -17.50 -3.68
CA TRP A 256 -1.91 -16.22 -3.05
C TRP A 256 -2.33 -15.05 -3.91
N ARG A 257 -2.29 -15.20 -5.25
CA ARG A 257 -2.81 -14.17 -6.13
C ARG A 257 -4.33 -14.10 -6.09
N ARG A 258 -5.00 -15.25 -6.05
CA ARG A 258 -6.45 -15.32 -6.22
C ARG A 258 -7.20 -14.71 -5.04
N VAL A 259 -6.74 -14.95 -3.82
CA VAL A 259 -7.47 -14.50 -2.63
C VAL A 259 -7.28 -12.99 -2.47
N GLU A 260 -7.91 -12.42 -1.45
CA GLU A 260 -7.79 -11.00 -1.15
C GLU A 260 -6.99 -10.85 0.13
N ILE A 261 -5.84 -10.19 0.04
CA ILE A 261 -5.07 -9.82 1.22
C ILE A 261 -4.82 -8.31 1.09
N PRO A 262 -5.75 -7.47 1.54
CA PRO A 262 -5.64 -6.02 1.28
C PRO A 262 -4.43 -5.35 1.96
N SER A 263 -3.66 -6.07 2.77
CA SER A 263 -2.42 -5.53 3.29
C SER A 263 -1.22 -5.84 2.39
N ALA A 264 -1.36 -6.73 1.38
CA ALA A 264 -0.16 -7.30 0.77
C ALA A 264 -0.28 -7.87 -0.65
N ASN A 265 -1.46 -8.19 -1.18
CA ASN A 265 -1.48 -8.95 -2.43
C ASN A 265 -2.21 -8.23 -3.56
N GLY A 266 -2.32 -6.91 -3.50
CA GLY A 266 -2.73 -6.18 -4.69
C GLY A 266 -1.74 -6.37 -5.83
N HIS A 267 -2.26 -6.27 -7.05
CA HIS A 267 -1.46 -6.31 -8.27
C HIS A 267 -1.86 -5.13 -9.16
N ALA A 268 -0.87 -4.43 -9.71
CA ALA A 268 -1.18 -3.24 -10.48
C ALA A 268 -0.01 -2.88 -11.39
N THR A 269 -0.27 -1.94 -12.29
CA THR A 269 0.78 -1.20 -13.00
C THR A 269 1.01 0.13 -12.32
N ALA A 270 2.16 0.73 -12.60
CA ALA A 270 2.48 2.03 -12.00
C ALA A 270 1.48 3.11 -12.42
N PRO A 271 1.10 3.25 -13.70
CA PRO A 271 0.10 4.29 -14.03
C PRO A 271 -1.24 4.08 -13.35
N ALA A 272 -1.68 2.83 -13.16
CA ALA A 272 -2.95 2.62 -12.46
C ALA A 272 -2.90 3.25 -11.07
N LEU A 273 -1.80 3.06 -10.34
CA LEU A 273 -1.69 3.66 -9.01
C LEU A 273 -1.55 5.17 -9.08
N ALA A 274 -0.79 5.66 -10.06
CA ALA A 274 -0.62 7.11 -10.17
C ALA A 274 -1.94 7.80 -10.47
N ARG A 275 -2.78 7.17 -11.29
CA ARG A 275 -4.09 7.73 -11.59
C ARG A 275 -4.99 7.70 -10.36
N LEU A 276 -5.00 6.58 -9.63
CA LEU A 276 -5.85 6.47 -8.44
C LEU A 276 -5.44 7.48 -7.38
N MET A 277 -4.15 7.52 -7.04
CA MET A 277 -3.67 8.53 -6.09
C MET A 277 -3.83 9.93 -6.67
N GLY A 278 -3.77 10.06 -8.00
CA GLY A 278 -3.99 11.36 -8.62
C GLY A 278 -5.36 11.95 -8.30
N ALA A 279 -6.38 11.08 -8.21
CA ALA A 279 -7.70 11.56 -7.81
C ALA A 279 -7.66 12.17 -6.42
N LEU A 280 -6.93 11.54 -5.49
CA LEU A 280 -6.75 12.11 -4.15
C LEU A 280 -5.91 13.38 -4.16
N ALA A 281 -5.10 13.61 -5.19
CA ALA A 281 -4.34 14.84 -5.32
C ALA A 281 -5.12 15.95 -6.04
N HIS A 282 -6.28 15.64 -6.61
CA HIS A 282 -7.02 16.54 -7.49
C HIS A 282 -8.50 16.57 -7.11
N GLY A 283 -8.75 16.83 -5.82
CA GLY A 283 -10.10 17.09 -5.37
C GLY A 283 -11.01 15.87 -5.30
N GLY A 284 -10.44 14.66 -5.37
CA GLY A 284 -11.22 13.44 -5.29
C GLY A 284 -11.82 12.98 -6.60
N THR A 285 -11.47 13.62 -7.71
CA THR A 285 -12.07 13.31 -8.98
C THR A 285 -11.03 12.71 -9.92
N LEU A 286 -11.43 11.67 -10.66
CA LEU A 286 -10.58 11.04 -11.66
C LEU A 286 -11.37 10.90 -12.95
N ASP A 287 -10.85 11.46 -14.05
CA ASP A 287 -11.51 11.42 -15.35
C ASP A 287 -12.99 11.81 -15.24
N GLY A 288 -13.25 12.85 -14.43
CA GLY A 288 -14.59 13.38 -14.30
C GLY A 288 -15.48 12.69 -13.28
N ARG A 289 -15.04 11.61 -12.64
CA ARG A 289 -15.87 10.85 -11.71
C ARG A 289 -15.39 11.13 -10.28
N SER A 290 -16.32 11.60 -9.42
CA SER A 290 -15.98 11.85 -8.03
C SER A 290 -15.87 10.53 -7.26
N LEU A 291 -14.67 10.23 -6.75
CA LEU A 291 -14.47 9.07 -5.88
C LEU A 291 -14.68 9.38 -4.41
N ILE A 292 -14.48 10.64 -4.02
CA ILE A 292 -14.50 11.04 -2.62
C ILE A 292 -14.50 12.57 -2.60
N THR A 293 -15.05 13.19 -1.54
CA THR A 293 -15.02 14.65 -1.45
C THR A 293 -13.69 15.14 -0.89
N PRO A 294 -13.36 16.41 -1.13
CA PRO A 294 -12.16 16.98 -0.48
C PRO A 294 -12.18 16.85 1.03
N ALA A 295 -13.34 17.06 1.64
CA ALA A 295 -13.46 16.85 3.08
C ALA A 295 -13.08 15.42 3.46
N GLY A 296 -13.53 14.44 2.66
CA GLY A 296 -13.22 13.04 2.95
C GLY A 296 -11.74 12.73 2.83
N ILE A 297 -11.07 13.34 1.84
CA ILE A 297 -9.62 13.17 1.72
C ILE A 297 -8.93 13.74 2.96
N LYS A 298 -9.29 14.96 3.34
CA LYS A 298 -8.67 15.60 4.50
C LYS A 298 -8.87 14.77 5.77
N ALA A 299 -10.06 14.20 5.96
CA ALA A 299 -10.31 13.42 7.17
C ALA A 299 -9.44 12.15 7.20
N ALA A 300 -9.27 11.51 6.04
CA ALA A 300 -8.49 10.28 5.97
C ALA A 300 -7.01 10.49 6.18
N THR A 301 -6.47 11.65 5.79
CA THR A 301 -5.03 11.78 5.82
C THR A 301 -4.51 12.56 7.01
N ALA A 302 -5.39 13.12 7.84
CA ALA A 302 -4.92 13.87 9.01
C ALA A 302 -4.08 12.99 9.91
N GLU A 303 -3.04 13.57 10.48
CA GLU A 303 -2.17 12.85 11.40
C GLU A 303 -2.94 12.33 12.60
N ARG A 304 -2.90 11.02 12.80
CA ARG A 304 -3.42 10.40 14.00
C ARG A 304 -2.39 10.38 15.12
N LEU A 305 -1.16 10.01 14.79
CA LEU A 305 -0.06 10.06 15.75
C LEU A 305 1.25 10.01 14.98
N ARG A 306 2.32 10.36 15.69
CA ARG A 306 3.66 10.46 15.11
C ARG A 306 4.70 10.08 16.15
N GLY A 307 5.73 9.38 15.74
CA GLY A 307 6.77 8.96 16.63
C GLY A 307 7.40 7.68 16.12
N ARG A 308 8.34 7.17 16.92
CA ARG A 308 9.02 5.92 16.58
C ARG A 308 8.04 4.77 16.53
N ASP A 309 8.03 4.05 15.42
CA ASP A 309 7.14 2.90 15.30
C ASP A 309 7.77 1.70 15.99
N LEU A 310 6.95 0.90 16.65
CA LEU A 310 7.45 -0.26 17.38
C LEU A 310 7.94 -1.37 16.44
N VAL A 311 7.52 -1.35 15.19
CA VAL A 311 7.80 -2.42 14.24
C VAL A 311 8.68 -1.95 13.10
N LEU A 312 8.26 -0.90 12.41
CA LEU A 312 9.11 -0.33 11.37
C LEU A 312 10.15 0.59 12.01
N PRO A 313 11.41 0.45 11.67
CA PRO A 313 12.48 1.20 12.36
C PRO A 313 12.61 2.64 11.86
N TYR A 314 11.55 3.42 12.07
CA TYR A 314 11.45 4.79 11.56
C TYR A 314 10.53 5.60 12.45
N GLU A 315 10.75 6.91 12.46
CA GLU A 315 9.72 7.84 12.90
C GLU A 315 8.68 7.95 11.78
N ILE A 316 7.42 7.65 12.09
CA ILE A 316 6.34 7.66 11.12
C ILE A 316 5.20 8.54 11.63
N SER A 317 4.65 9.33 10.72
CA SER A 317 3.40 10.06 10.94
C SER A 317 2.32 9.29 10.18
N TRP A 318 1.37 8.73 10.92
CA TRP A 318 0.28 7.93 10.35
C TRP A 318 -1.00 8.75 10.23
N GLY A 319 -1.61 8.72 9.04
CA GLY A 319 -3.01 9.00 8.88
C GLY A 319 -3.84 7.75 9.11
N ALA A 320 -5.06 7.75 8.57
CA ALA A 320 -5.96 6.60 8.71
C ALA A 320 -5.64 5.54 7.66
N GLY A 321 -4.49 4.87 7.87
CA GLY A 321 -3.97 3.86 6.96
C GLY A 321 -2.96 4.36 5.96
N PHE A 322 -2.99 5.64 5.62
CA PHE A 322 -1.95 6.25 4.77
C PHE A 322 -0.73 6.61 5.61
N MET A 323 0.46 6.41 5.04
CA MET A 323 1.67 6.97 5.61
C MET A 323 1.79 8.42 5.13
N ARG A 324 1.92 9.35 6.07
CA ARG A 324 2.20 10.73 5.67
C ARG A 324 3.70 10.89 5.40
N ASN A 325 4.05 11.97 4.70
CA ASN A 325 5.38 12.05 4.12
C ASN A 325 6.42 12.48 5.15
N GLU A 326 6.15 13.54 5.91
CA GLU A 326 7.05 13.93 6.99
C GLU A 326 7.06 12.82 8.02
N PRO A 327 8.21 12.60 8.69
CA PRO A 327 9.44 13.39 8.61
C PRO A 327 10.51 12.85 7.68
N ASN A 328 10.20 11.81 6.88
CA ASN A 328 11.25 11.18 6.10
C ASN A 328 11.32 11.67 4.66
N PHE A 329 10.22 12.19 4.12
CA PHE A 329 10.17 12.81 2.80
C PHE A 329 10.59 11.83 1.69
N TYR A 330 10.20 10.57 1.85
CA TYR A 330 10.43 9.61 0.79
C TYR A 330 9.48 9.79 -0.39
N TYR A 331 8.42 10.61 -0.25
CA TYR A 331 7.50 10.89 -1.35
C TYR A 331 7.69 12.31 -1.89
N GLY A 332 8.88 12.86 -1.76
CA GLY A 332 9.13 14.20 -2.26
C GLY A 332 9.12 15.23 -1.15
N PRO A 333 9.10 16.51 -1.53
CA PRO A 333 9.31 17.60 -0.55
C PRO A 333 8.09 18.03 0.26
N THR A 334 6.89 17.60 -0.07
CA THR A 334 5.70 18.12 0.59
C THR A 334 5.42 17.33 1.86
N ALA A 335 5.47 18.01 3.01
CA ALA A 335 5.31 17.32 4.29
C ALA A 335 3.98 16.59 4.39
N GLU A 336 2.90 17.18 3.86
CA GLU A 336 1.56 16.63 4.00
C GLU A 336 1.16 15.73 2.83
N ALA A 337 2.08 15.41 1.91
CA ALA A 337 1.81 14.34 0.96
C ALA A 337 1.69 13.02 1.71
N PHE A 338 1.13 12.01 1.03
CA PHE A 338 0.79 10.77 1.70
C PHE A 338 0.69 9.65 0.69
N GLY A 339 0.78 8.42 1.20
CA GLY A 339 0.70 7.24 0.34
C GLY A 339 1.04 6.01 1.14
N HIS A 340 1.67 5.05 0.47
CA HIS A 340 2.16 3.90 1.19
C HIS A 340 3.22 3.23 0.34
N SER A 341 4.14 2.54 1.01
CA SER A 341 5.21 1.83 0.33
C SER A 341 5.07 0.34 0.56
N GLY A 342 5.78 -0.44 -0.25
CA GLY A 342 5.65 -1.87 -0.23
C GLY A 342 6.98 -2.56 -0.05
N TRP A 343 6.92 -3.76 0.53
CA TRP A 343 8.06 -4.65 0.68
C TRP A 343 8.87 -4.74 -0.61
N GLY A 344 10.14 -4.37 -0.55
CA GLY A 344 11.02 -4.47 -1.70
C GLY A 344 11.19 -3.18 -2.48
N GLY A 345 10.29 -2.21 -2.33
CA GLY A 345 10.59 -0.89 -2.84
C GLY A 345 9.49 -0.17 -3.60
N SER A 346 8.36 -0.82 -3.87
CA SER A 346 7.27 -0.13 -4.57
C SER A 346 6.66 0.96 -3.68
N CYS A 347 5.97 1.91 -4.32
CA CYS A 347 5.26 2.93 -3.55
C CYS A 347 4.25 3.61 -4.46
N ALA A 348 3.29 4.30 -3.81
CA ALA A 348 2.39 5.19 -4.51
C ALA A 348 2.05 6.33 -3.56
N PHE A 349 1.97 7.55 -4.10
CA PHE A 349 1.74 8.70 -3.22
C PHE A 349 0.88 9.73 -3.93
N ALA A 350 0.29 10.62 -3.12
CA ALA A 350 -0.48 11.76 -3.58
C ALA A 350 0.01 13.01 -2.88
N ASP A 351 0.01 14.13 -3.59
CA ASP A 351 0.38 15.43 -3.02
C ASP A 351 -0.75 16.39 -3.35
N PRO A 352 -1.72 16.55 -2.46
CA PRO A 352 -2.85 17.46 -2.76
C PRO A 352 -2.43 18.91 -2.86
N THR A 353 -1.31 19.29 -2.21
CA THR A 353 -0.89 20.69 -2.22
C THR A 353 -0.38 21.11 -3.60
N ARG A 354 0.42 20.24 -4.24
CA ARG A 354 0.94 20.53 -5.56
C ARG A 354 0.09 19.91 -6.67
N GLY A 355 -0.89 19.08 -6.34
CA GLY A 355 -1.72 18.45 -7.37
C GLY A 355 -1.07 17.30 -8.11
N VAL A 356 -0.02 16.69 -7.57
CA VAL A 356 0.71 15.65 -8.30
C VAL A 356 0.58 14.32 -7.56
N SER A 357 0.89 13.24 -8.27
CA SER A 357 0.87 11.90 -7.69
C SER A 357 1.86 11.05 -8.48
N GLY A 358 2.17 9.87 -7.94
CA GLY A 358 3.07 8.99 -8.67
C GLY A 358 3.10 7.60 -8.07
N ALA A 359 3.74 6.70 -8.81
CA ALA A 359 3.97 5.35 -8.30
C ALA A 359 5.20 4.76 -8.93
N TYR A 360 5.96 4.01 -8.14
CA TYR A 360 7.10 3.23 -8.62
C TYR A 360 6.78 1.77 -8.35
N VAL A 361 6.83 0.95 -9.40
CA VAL A 361 6.47 -0.47 -9.28
C VAL A 361 7.58 -1.27 -9.93
N MET A 362 8.18 -2.18 -9.18
CA MET A 362 9.33 -2.92 -9.70
C MET A 362 9.28 -4.35 -9.20
N ASN A 363 10.11 -5.21 -9.78
CA ASN A 363 10.10 -6.60 -9.34
C ASN A 363 11.41 -7.08 -8.74
N LYS A 364 12.49 -6.30 -8.79
CA LYS A 364 13.68 -6.60 -8.00
C LYS A 364 13.52 -5.99 -6.60
N GLN A 365 13.41 -6.85 -5.59
CA GLN A 365 13.15 -6.40 -4.23
C GLN A 365 14.44 -5.96 -3.56
N GLY A 366 14.44 -4.75 -3.00
CA GLY A 366 15.53 -4.28 -2.17
C GLY A 366 15.27 -4.64 -0.71
N ASN A 367 16.10 -4.09 0.17
CA ASN A 367 15.92 -4.37 1.58
C ASN A 367 15.59 -3.11 2.39
N ALA A 368 15.13 -2.05 1.72
CA ALA A 368 14.62 -0.88 2.42
C ALA A 368 13.12 -1.05 2.64
N LEU A 369 12.69 -1.05 3.90
CA LEU A 369 11.28 -1.25 4.17
C LEU A 369 10.44 -0.11 3.61
N ILE A 370 10.95 1.13 3.72
CA ILE A 370 10.37 2.30 3.06
C ILE A 370 11.52 3.15 2.56
N GLY A 371 11.19 4.04 1.62
CA GLY A 371 12.19 4.95 1.08
C GLY A 371 13.28 4.26 0.29
N ASP A 372 12.93 3.25 -0.50
CA ASP A 372 13.90 2.65 -1.39
C ASP A 372 14.46 3.74 -2.28
N PRO A 373 15.79 3.90 -2.37
CA PRO A 373 16.34 5.06 -3.09
C PRO A 373 16.01 5.07 -4.58
N ARG A 374 15.74 3.91 -5.20
CA ARG A 374 15.31 3.94 -6.61
C ARG A 374 14.05 4.79 -6.77
N SER A 375 13.09 4.63 -5.86
CA SER A 375 11.84 5.40 -5.95
C SER A 375 12.05 6.84 -5.51
N VAL A 376 12.85 7.05 -4.46
CA VAL A 376 13.06 8.39 -3.93
C VAL A 376 13.74 9.29 -4.98
N ARG A 377 14.78 8.77 -5.64
CA ARG A 377 15.48 9.56 -6.64
C ARG A 377 14.55 9.93 -7.80
N LEU A 378 13.66 9.02 -8.19
CA LEU A 378 12.72 9.31 -9.28
C LEU A 378 11.74 10.40 -8.89
N ILE A 379 11.17 10.30 -7.69
CA ILE A 379 10.21 11.30 -7.23
C ILE A 379 10.90 12.65 -7.07
N GLU A 380 12.12 12.66 -6.57
CA GLU A 380 12.83 13.93 -6.40
C GLU A 380 13.13 14.56 -7.76
N ALA A 381 13.48 13.75 -8.76
CA ALA A 381 13.68 14.29 -10.10
C ALA A 381 12.39 14.84 -10.68
N ALA A 382 11.26 14.17 -10.42
CA ALA A 382 10.00 14.66 -10.94
C ALA A 382 9.66 16.02 -10.33
N TYR A 383 9.82 16.14 -9.00
CA TYR A 383 9.54 17.43 -8.36
C TYR A 383 10.51 18.51 -8.82
N ALA A 384 11.78 18.17 -9.04
CA ALA A 384 12.75 19.15 -9.51
C ALA A 384 12.45 19.61 -10.94
N SER A 385 11.56 18.91 -11.64
CA SER A 385 11.16 19.28 -12.99
C SER A 385 9.97 20.22 -13.01
N LEU A 386 9.33 20.43 -11.86
CA LEU A 386 8.11 21.24 -11.81
C LEU A 386 8.48 22.72 -11.81
#